data_6EMN
#
_entry.id   6EMN
#
_cell.length_a   40.280
_cell.length_b   55.200
_cell.length_c   126.330
_cell.angle_alpha   90.00
_cell.angle_beta   90.00
_cell.angle_gamma   90.00
#
_symmetry.space_group_name_H-M   'P 21 21 21'
#
loop_
_entity.id
_entity.type
_entity.pdbx_description
1 polymer 'Probable phosphite transport system-binding protein HtxB'
2 non-polymer oxidanylphosphinate
3 non-polymer 'MAGNESIUM ION'
4 non-polymer 1,2-ETHANEDIOL
5 water water
#
_entity_poly.entity_id   1
_entity_poly.type   'polypeptide(L)'
_entity_poly.pdbx_seq_one_letter_code
;MAEVVNGKLHLRFAIAPMRPTPSQTIKEFEPIFKYLADQLGATYEIVSPESWAAISVAMTNGHVDVGWLGPWGYVLSNKK
AGTEVLATVKYRGEPFYKALIVGRADLPIKKWPEDAKGLKLSLSDQGNTSGWLIPMAYFKSIGIDPASYFEYREGATFGQ
NESQIQHGLIDLGSDMDRGRNGMIEAGQIDPSKSKIVWESSKLPNDAISVPKDFDPALKARITEILTSLSEEKAQSLMGS
GYNGFVKAKHSDYKVIEDAGRILGKLLEHHHHHH
;
_entity_poly.pdbx_strand_id   A
#
# COMPACT_ATOMS: atom_id res chain seq x y z
N GLY A 7 20.20 -18.21 -23.19
CA GLY A 7 18.72 -17.96 -23.26
C GLY A 7 18.00 -18.29 -21.95
N LYS A 8 18.48 -17.66 -20.88
CA LYS A 8 17.86 -17.82 -19.56
C LYS A 8 17.13 -16.52 -19.16
N LEU A 9 15.82 -16.60 -19.16
CA LEU A 9 14.92 -15.52 -18.76
C LEU A 9 15.21 -15.11 -17.32
N HIS A 10 15.33 -13.81 -17.08
CA HIS A 10 15.61 -13.24 -15.74
C HIS A 10 14.64 -12.08 -15.45
N LEU A 11 14.05 -12.07 -14.24
CA LEU A 11 13.09 -11.02 -13.86
C LEU A 11 13.54 -10.27 -12.60
N ARG A 12 13.38 -8.94 -12.63
CA ARG A 12 13.64 -8.07 -11.47
C ARG A 12 12.32 -7.72 -10.79
N PHE A 13 12.16 -8.18 -9.55
CA PHE A 13 10.94 -7.99 -8.77
C PHE A 13 11.10 -6.92 -7.67
N ALA A 14 9.98 -6.28 -7.33
CA ALA A 14 9.95 -5.37 -6.17
C ALA A 14 8.59 -5.43 -5.50
N ILE A 15 8.55 -5.33 -4.17
CA ILE A 15 7.28 -5.29 -3.41
C ILE A 15 7.33 -4.11 -2.41
N ALA A 16 6.18 -3.43 -2.33
CA ALA A 16 6.01 -2.27 -1.44
C ALA A 16 6.04 -2.71 0.05
N PRO A 17 6.00 -1.74 1.02
CA PRO A 17 6.07 -2.09 2.46
C PRO A 17 4.82 -2.73 3.06
N MET A 18 4.61 -4.00 2.73
CA MET A 18 3.43 -4.77 3.23
C MET A 18 3.46 -5.02 4.74
N ARG A 19 4.67 -5.15 5.29
CA ARG A 19 4.92 -5.43 6.70
C ARG A 19 5.84 -4.33 7.25
N PRO A 20 6.00 -4.26 8.60
CA PRO A 20 6.77 -3.14 9.21
C PRO A 20 8.24 -3.00 8.82
N THR A 21 8.89 -4.09 8.38
CA THR A 21 10.26 -4.03 7.89
C THR A 21 10.43 -4.70 6.54
N PRO A 22 11.47 -4.31 5.77
CA PRO A 22 11.72 -5.02 4.52
C PRO A 22 12.01 -6.52 4.67
N SER A 23 12.71 -6.92 5.73
CA SER A 23 12.98 -8.34 5.96
C SER A 23 11.73 -9.17 6.24
N GLN A 24 10.81 -8.61 7.03
CA GLN A 24 9.51 -9.30 7.25
C GLN A 24 8.70 -9.38 5.94
N THR A 25 8.68 -8.28 5.18
CA THR A 25 7.93 -8.23 3.91
C THR A 25 8.47 -9.31 2.98
N ILE A 26 9.79 -9.35 2.76
CA ILE A 26 10.37 -10.35 1.86
C ILE A 26 10.14 -11.79 2.39
N LYS A 27 10.35 -12.01 3.68
CA LYS A 27 10.18 -13.37 4.23
C LYS A 27 8.76 -13.91 3.92
N GLU A 28 7.74 -13.06 4.14
CA GLU A 28 6.33 -13.49 4.04
C GLU A 28 5.78 -13.49 2.61
N PHE A 29 6.32 -12.65 1.73
CA PHE A 29 5.75 -12.47 0.37
C PHE A 29 6.65 -12.94 -0.77
N GLU A 30 7.95 -13.15 -0.54
CA GLU A 30 8.77 -13.78 -1.62
C GLU A 30 8.16 -15.03 -2.26
N PRO A 31 7.51 -15.92 -1.46
CA PRO A 31 7.04 -17.14 -2.10
C PRO A 31 6.13 -16.97 -3.33
N ILE A 32 5.32 -15.90 -3.37
CA ILE A 32 4.48 -15.68 -4.57
C ILE A 32 5.37 -15.33 -5.80
N PHE A 33 6.42 -14.51 -5.57
CA PHE A 33 7.38 -14.18 -6.64
C PHE A 33 8.21 -15.38 -7.11
N LYS A 34 8.69 -16.20 -6.16
CA LYS A 34 9.37 -17.47 -6.49
C LYS A 34 8.46 -18.38 -7.33
N TYR A 35 7.20 -18.49 -6.91
CA TYR A 35 6.18 -19.26 -7.67
C TYR A 35 6.06 -18.75 -9.12
N LEU A 36 5.89 -17.44 -9.25
CA LEU A 36 5.74 -16.81 -10.57
C LEU A 36 6.96 -17.11 -11.48
N ALA A 37 8.17 -16.90 -10.94
CA ALA A 37 9.41 -17.18 -11.68
C ALA A 37 9.47 -18.67 -12.08
N ASP A 38 9.15 -19.55 -11.15
CA ASP A 38 9.21 -21.01 -11.41
C ASP A 38 8.24 -21.42 -12.53
N GLN A 39 7.07 -20.78 -12.57
CA GLN A 39 6.06 -21.10 -13.64
C GLN A 39 6.61 -20.75 -15.05
N LEU A 40 7.49 -19.75 -15.10
CA LEU A 40 8.10 -19.24 -16.35
C LEU A 40 9.49 -19.84 -16.64
N GLY A 41 10.03 -20.61 -15.68
CA GLY A 41 11.43 -21.10 -15.75
C GLY A 41 12.48 -20.00 -15.68
N ALA A 42 12.13 -18.90 -15.02
CA ALA A 42 13.00 -17.72 -14.90
C ALA A 42 13.88 -17.71 -13.63
N THR A 43 15.08 -17.13 -13.72
CA THR A 43 15.81 -16.72 -12.50
C THR A 43 15.22 -15.36 -12.07
N TYR A 44 15.49 -14.93 -10.83
CA TYR A 44 14.97 -13.65 -10.36
C TYR A 44 15.85 -13.00 -9.28
N GLU A 45 15.56 -11.73 -9.04
CA GLU A 45 16.06 -10.95 -7.89
C GLU A 45 14.85 -10.18 -7.35
N ILE A 46 14.95 -9.76 -6.10
CA ILE A 46 13.82 -9.14 -5.38
C ILE A 46 14.36 -8.10 -4.39
N VAL A 47 13.63 -6.97 -4.28
CA VAL A 47 13.90 -5.95 -3.24
C VAL A 47 12.56 -5.43 -2.66
N SER A 48 12.63 -4.83 -1.47
CA SER A 48 11.46 -4.18 -0.84
C SER A 48 11.88 -2.83 -0.27
N PRO A 49 11.70 -1.74 -1.08
CA PRO A 49 12.12 -0.41 -0.61
C PRO A 49 11.38 0.03 0.68
N GLU A 50 12.00 0.93 1.46
CA GLU A 50 11.41 1.34 2.77
C GLU A 50 10.13 2.16 2.68
N SER A 51 9.97 2.88 1.57
CA SER A 51 8.83 3.83 1.38
C SER A 51 7.98 3.48 0.14
N TRP A 52 6.74 3.95 0.14
CA TRP A 52 5.79 3.74 -0.98
C TRP A 52 6.23 4.55 -2.22
N ALA A 53 6.72 5.78 -1.98
CA ALA A 53 7.29 6.61 -3.06
C ALA A 53 8.46 5.90 -3.76
N ALA A 54 9.32 5.28 -2.95
CA ALA A 54 10.59 4.71 -3.51
C ALA A 54 10.34 3.60 -4.52
N ILE A 55 9.34 2.75 -4.29
CA ILE A 55 9.04 1.71 -5.28
C ILE A 55 8.41 2.28 -6.58
N SER A 56 7.58 3.31 -6.45
CA SER A 56 7.03 4.02 -7.62
C SER A 56 8.19 4.57 -8.50
N VAL A 57 9.12 5.27 -7.85
CA VAL A 57 10.30 5.84 -8.53
C VAL A 57 11.16 4.73 -9.20
N ALA A 58 11.38 3.60 -8.51
CA ALA A 58 12.19 2.50 -9.09
C ALA A 58 11.56 1.95 -10.38
N MET A 59 10.25 1.80 -10.38
CA MET A 59 9.47 1.38 -11.58
C MET A 59 9.60 2.43 -12.72
N THR A 60 9.34 3.71 -12.39
CA THR A 60 9.43 4.82 -13.37
C THR A 60 10.83 4.89 -14.02
N ASN A 61 11.86 4.64 -13.21
CA ASN A 61 13.27 4.79 -13.69
C ASN A 61 13.90 3.53 -14.32
N GLY A 62 13.09 2.49 -14.56
CA GLY A 62 13.50 1.33 -15.35
C GLY A 62 14.21 0.20 -14.64
N HIS A 63 14.05 0.14 -13.32
CA HIS A 63 14.75 -0.84 -12.48
C HIS A 63 13.92 -2.09 -12.12
N VAL A 64 12.67 -2.18 -12.56
CA VAL A 64 11.73 -3.23 -12.12
C VAL A 64 10.93 -3.82 -13.31
N ASP A 65 10.94 -5.15 -13.47
CA ASP A 65 10.11 -5.84 -14.47
C ASP A 65 8.68 -6.08 -13.99
N VAL A 66 8.54 -6.59 -12.76
CA VAL A 66 7.20 -6.84 -12.15
C VAL A 66 7.22 -6.27 -10.73
N GLY A 67 6.38 -5.25 -10.48
CA GLY A 67 6.35 -4.54 -9.19
C GLY A 67 4.97 -4.62 -8.55
N TRP A 68 4.92 -4.84 -7.26
CA TRP A 68 3.71 -4.77 -6.43
C TRP A 68 3.70 -3.37 -5.81
N LEU A 69 2.96 -2.45 -6.46
CA LEU A 69 2.93 -0.99 -6.12
C LEU A 69 1.64 -0.68 -5.35
N GLY A 70 1.68 0.34 -4.50
CA GLY A 70 0.42 0.85 -3.95
C GLY A 70 -0.35 1.63 -5.00
N PRO A 71 -1.67 1.88 -4.78
CA PRO A 71 -2.49 2.52 -5.83
C PRO A 71 -1.98 3.88 -6.34
N TRP A 72 -1.64 4.78 -5.42
CA TRP A 72 -1.09 6.09 -5.77
C TRP A 72 0.30 5.99 -6.44
N GLY A 73 1.09 5.07 -5.91
CA GLY A 73 2.38 4.79 -6.56
C GLY A 73 2.24 4.34 -8.02
N TYR A 74 1.25 3.49 -8.30
CA TYR A 74 0.91 3.08 -9.68
C TYR A 74 0.45 4.29 -10.51
N VAL A 75 -0.50 5.07 -9.98
CA VAL A 75 -1.04 6.23 -10.74
C VAL A 75 0.11 7.21 -11.13
N LEU A 76 0.98 7.51 -10.17
CA LEU A 76 2.12 8.42 -10.42
C LEU A 76 3.06 7.86 -11.51
N SER A 77 3.38 6.57 -11.40
CA SER A 77 4.28 5.94 -12.39
C SER A 77 3.67 5.83 -13.80
N ASN A 78 2.37 5.54 -13.87
CA ASN A 78 1.63 5.54 -15.14
C ASN A 78 1.67 6.92 -15.82
N LYS A 79 1.46 7.97 -15.04
CA LYS A 79 1.48 9.37 -15.56
C LYS A 79 2.86 9.73 -16.12
N LYS A 80 3.90 9.41 -15.36
CA LYS A 80 5.26 9.82 -15.71
CA LYS A 80 5.31 9.84 -15.67
C LYS A 80 5.93 8.96 -16.78
N ALA A 81 5.68 7.64 -16.75
CA ALA A 81 6.43 6.65 -17.58
C ALA A 81 5.59 5.64 -18.38
N GLY A 82 4.28 5.70 -18.25
CA GLY A 82 3.38 4.75 -18.93
C GLY A 82 3.34 3.34 -18.35
N THR A 83 3.74 3.19 -17.10
CA THR A 83 3.61 1.92 -16.36
C THR A 83 2.17 1.38 -16.48
N GLU A 84 2.02 0.07 -16.74
CA GLU A 84 0.73 -0.63 -16.91
C GLU A 84 0.37 -1.49 -15.70
N VAL A 85 -0.88 -1.41 -15.26
CA VAL A 85 -1.43 -2.35 -14.26
C VAL A 85 -2.01 -3.59 -14.97
N LEU A 86 -1.60 -4.78 -14.51
CA LEU A 86 -2.12 -6.07 -15.01
C LEU A 86 -3.21 -6.69 -14.10
N ALA A 87 -3.08 -6.49 -12.78
CA ALA A 87 -3.94 -7.16 -11.81
C ALA A 87 -3.98 -6.40 -10.50
N THR A 88 -5.03 -6.60 -9.72
CA THR A 88 -5.17 -6.02 -8.39
C THR A 88 -5.12 -7.16 -7.35
N VAL A 89 -4.38 -6.95 -6.25
CA VAL A 89 -4.33 -7.97 -5.17
CA VAL A 89 -4.34 -7.93 -5.14
C VAL A 89 -5.69 -8.03 -4.34
N LYS A 90 -6.03 -9.24 -3.95
CA LYS A 90 -7.16 -9.51 -3.05
C LYS A 90 -6.74 -9.65 -1.60
N TYR A 91 -7.51 -9.01 -0.70
CA TYR A 91 -7.31 -9.15 0.76
C TYR A 91 -8.67 -9.63 1.28
N ARG A 92 -8.68 -10.76 1.97
CA ARG A 92 -9.94 -11.39 2.43
C ARG A 92 -10.93 -11.56 1.26
N GLY A 93 -10.40 -11.93 0.08
CA GLY A 93 -11.25 -12.23 -1.11
C GLY A 93 -11.76 -11.03 -1.88
N GLU A 94 -11.33 -9.79 -1.52
CA GLU A 94 -11.83 -8.59 -2.17
C GLU A 94 -10.69 -7.69 -2.65
N PRO A 95 -10.82 -7.08 -3.86
CA PRO A 95 -9.75 -6.18 -4.36
C PRO A 95 -9.88 -4.74 -3.85
N PHE A 96 -10.15 -4.62 -2.55
CA PHE A 96 -10.38 -3.32 -1.89
C PHE A 96 -9.78 -3.31 -0.47
N TYR A 97 -9.67 -2.12 0.12
CA TYR A 97 -9.19 -1.91 1.51
C TYR A 97 -9.61 -0.51 1.99
N LYS A 98 -9.29 -0.17 3.25
CA LYS A 98 -9.59 1.15 3.83
C LYS A 98 -8.36 1.81 4.49
N ALA A 99 -8.28 3.14 4.35
CA ALA A 99 -7.33 4.00 5.08
C ALA A 99 -7.88 4.24 6.49
N LEU A 100 -6.96 4.41 7.45
CA LEU A 100 -7.26 4.70 8.88
C LEU A 100 -6.47 5.90 9.40
N ILE A 101 -7.09 6.65 10.31
CA ILE A 101 -6.36 7.48 11.27
C ILE A 101 -6.60 6.82 12.65
N VAL A 102 -5.50 6.45 13.28
CA VAL A 102 -5.43 5.76 14.58
C VAL A 102 -5.01 6.81 15.62
N GLY A 103 -5.59 6.67 16.82
CA GLY A 103 -5.24 7.52 17.98
C GLY A 103 -4.89 6.76 19.25
N ARG A 104 -4.24 7.42 20.20
CA ARG A 104 -3.99 6.83 21.53
C ARG A 104 -5.36 6.47 22.16
N ALA A 105 -5.45 5.36 22.86
CA ALA A 105 -6.74 4.86 23.38
C ALA A 105 -7.48 5.87 24.29
N ASP A 106 -6.76 6.66 25.05
CA ASP A 106 -7.39 7.64 25.99
C ASP A 106 -7.57 9.05 25.39
N LEU A 107 -7.33 9.22 24.09
CA LEU A 107 -7.45 10.55 23.44
C LEU A 107 -8.92 10.99 23.38
N PRO A 108 -9.23 12.19 23.90
CA PRO A 108 -10.59 12.70 23.70
C PRO A 108 -10.91 12.97 22.21
N ILE A 109 -11.94 12.32 21.69
CA ILE A 109 -12.31 12.39 20.26
C ILE A 109 -13.81 12.61 19.99
N LYS A 110 -14.60 12.97 21.00
CA LYS A 110 -16.07 13.11 20.79
C LYS A 110 -16.45 14.18 19.74
N LYS A 111 -15.56 15.16 19.52
CA LYS A 111 -15.83 16.25 18.56
C LYS A 111 -14.77 16.29 17.41
N TRP A 112 -14.18 15.14 17.14
CA TRP A 112 -13.10 14.96 16.14
C TRP A 112 -13.48 15.49 14.75
N PRO A 113 -12.61 16.23 14.05
CA PRO A 113 -11.28 16.72 14.45
C PRO A 113 -11.32 18.15 14.98
N GLU A 114 -12.50 18.65 15.31
CA GLU A 114 -12.65 20.07 15.71
C GLU A 114 -12.06 20.32 17.11
N ASP A 115 -11.92 19.25 17.91
CA ASP A 115 -11.29 19.24 19.25
C ASP A 115 -9.81 18.85 19.24
N ALA A 116 -9.20 18.73 18.05
CA ALA A 116 -7.85 18.18 17.90
C ALA A 116 -6.73 19.17 17.51
N LYS A 117 -7.05 20.47 17.47
CA LYS A 117 -6.05 21.49 17.10
C LYS A 117 -4.80 21.38 18.00
N GLY A 118 -3.64 21.41 17.37
CA GLY A 118 -2.34 21.35 18.09
C GLY A 118 -1.86 19.99 18.56
N LEU A 119 -2.66 18.93 18.35
CA LEU A 119 -2.22 17.57 18.67
C LEU A 119 -1.12 17.10 17.68
N LYS A 120 -0.32 16.09 18.11
CA LYS A 120 0.77 15.54 17.29
C LYS A 120 0.21 14.50 16.29
N LEU A 121 0.24 14.83 14.99
CA LEU A 121 -0.25 13.95 13.88
C LEU A 121 0.95 13.59 13.00
N SER A 122 1.10 12.28 12.71
CA SER A 122 2.15 11.78 11.80
C SER A 122 1.49 11.11 10.57
N LEU A 123 1.74 11.69 9.39
CA LEU A 123 1.36 11.04 8.10
C LEU A 123 2.61 10.40 7.47
N SER A 124 2.38 9.55 6.47
CA SER A 124 3.43 8.77 5.82
C SER A 124 4.09 9.53 4.65
N ASP A 125 4.86 8.81 3.83
CA ASP A 125 5.51 9.43 2.65
C ASP A 125 4.48 9.86 1.57
N GLN A 126 4.86 10.83 0.75
CA GLN A 126 3.95 11.38 -0.25
C GLN A 126 3.55 10.40 -1.40
N GLY A 127 4.20 9.24 -1.49
CA GLY A 127 3.78 8.21 -2.43
C GLY A 127 2.80 7.20 -1.84
N ASN A 128 2.42 7.37 -0.56
CA ASN A 128 1.56 6.40 0.16
C ASN A 128 0.07 6.81 0.02
N THR A 129 -0.75 5.92 -0.55
CA THR A 129 -2.19 6.17 -0.82
C THR A 129 -2.97 6.42 0.51
N SER A 130 -3.00 5.38 1.33
CA SER A 130 -3.76 5.44 2.59
C SER A 130 -3.04 6.27 3.65
N GLY A 131 -1.71 6.34 3.53
CA GLY A 131 -0.88 6.99 4.55
C GLY A 131 -0.72 8.49 4.41
N TRP A 132 -0.96 9.01 3.20
CA TRP A 132 -0.77 10.44 2.89
C TRP A 132 -1.89 11.01 1.98
N LEU A 133 -2.08 10.44 0.79
CA LEU A 133 -3.01 11.03 -0.21
C LEU A 133 -4.45 11.16 0.35
N ILE A 134 -4.97 10.04 0.83
CA ILE A 134 -6.38 9.95 1.27
C ILE A 134 -6.66 10.79 2.55
N PRO A 135 -5.80 10.70 3.61
CA PRO A 135 -6.05 11.57 4.75
C PRO A 135 -5.91 13.08 4.39
N MET A 136 -4.94 13.44 3.53
CA MET A 136 -4.82 14.83 3.07
CA MET A 136 -4.83 14.83 3.06
C MET A 136 -6.13 15.28 2.36
N ALA A 137 -6.67 14.44 1.48
CA ALA A 137 -7.95 14.72 0.75
C ALA A 137 -9.12 14.91 1.74
N TYR A 138 -9.16 14.08 2.77
CA TYR A 138 -10.17 14.19 3.85
C TYR A 138 -10.10 15.56 4.51
N PHE A 139 -8.91 15.92 5.00
CA PHE A 139 -8.76 17.22 5.70
C PHE A 139 -9.13 18.39 4.77
N LYS A 140 -8.67 18.32 3.52
CA LYS A 140 -8.98 19.41 2.59
C LYS A 140 -10.50 19.57 2.34
N SER A 141 -11.21 18.44 2.33
CA SER A 141 -12.68 18.42 2.09
C SER A 141 -13.47 19.16 3.19
N ILE A 142 -12.86 19.29 4.38
CA ILE A 142 -13.47 20.01 5.52
C ILE A 142 -12.68 21.30 5.88
N GLY A 143 -11.85 21.79 4.96
CA GLY A 143 -11.17 23.07 5.13
C GLY A 143 -10.11 23.14 6.20
N ILE A 144 -9.45 22.02 6.45
CA ILE A 144 -8.33 21.92 7.40
C ILE A 144 -7.00 21.73 6.66
N ASP A 145 -6.02 22.56 6.99
CA ASP A 145 -4.62 22.43 6.53
C ASP A 145 -3.78 21.70 7.59
N PRO A 146 -3.49 20.38 7.41
CA PRO A 146 -2.82 19.67 8.52
C PRO A 146 -1.49 20.27 9.01
N ALA A 147 -0.68 20.80 8.08
CA ALA A 147 0.64 21.34 8.46
C ALA A 147 0.57 22.51 9.44
N SER A 148 -0.48 23.31 9.36
CA SER A 148 -0.66 24.43 10.32
C SER A 148 -1.60 24.11 11.49
N TYR A 149 -2.52 23.17 11.29
CA TYR A 149 -3.54 22.82 12.30
C TYR A 149 -2.99 21.93 13.43
N PHE A 150 -2.19 20.93 13.04
CA PHE A 150 -1.56 19.99 13.97
C PHE A 150 -0.10 20.36 14.22
N GLU A 151 0.47 19.80 15.29
CA GLU A 151 1.93 19.62 15.37
C GLU A 151 2.28 18.45 14.42
N TYR A 152 2.72 18.80 13.23
CA TYR A 152 2.65 17.92 12.05
C TYR A 152 4.02 17.35 11.68
N ARG A 153 4.02 16.06 11.34
CA ARG A 153 5.17 15.39 10.71
C ARG A 153 4.71 14.52 9.53
N GLU A 154 5.55 14.43 8.50
CA GLU A 154 5.33 13.61 7.30
C GLU A 154 6.54 12.70 7.07
N GLY A 155 6.32 11.54 6.45
CA GLY A 155 7.41 10.62 6.03
C GLY A 155 7.55 9.32 6.80
N ALA A 156 6.88 9.18 7.95
CA ALA A 156 6.98 7.98 8.78
C ALA A 156 6.40 6.74 8.09
N THR A 157 6.94 5.58 8.40
CA THR A 157 6.35 4.30 7.95
C THR A 157 5.10 3.99 8.81
N PHE A 158 4.23 3.08 8.31
CA PHE A 158 3.13 2.57 9.12
C PHE A 158 3.60 1.87 10.43
N GLY A 159 4.68 1.10 10.34
CA GLY A 159 5.27 0.48 11.55
C GLY A 159 5.66 1.51 12.61
N GLN A 160 6.28 2.59 12.15
CA GLN A 160 6.70 3.69 13.04
C GLN A 160 5.47 4.38 13.67
N ASN A 161 4.47 4.69 12.86
CA ASN A 161 3.23 5.32 13.38
C ASN A 161 2.62 4.47 14.51
N GLU A 162 2.43 3.17 14.26
CA GLU A 162 1.75 2.33 15.26
C GLU A 162 2.62 2.21 16.53
N SER A 163 3.93 2.08 16.37
CA SER A 163 4.84 2.01 17.55
C SER A 163 4.76 3.30 18.41
N GLN A 164 4.80 4.42 17.72
CA GLN A 164 4.84 5.73 18.39
C GLN A 164 3.50 6.01 19.12
N ILE A 165 2.38 5.60 18.52
CA ILE A 165 1.07 5.73 19.20
C ILE A 165 1.06 4.89 20.49
N GLN A 166 1.45 3.62 20.35
CA GLN A 166 1.43 2.70 21.50
C GLN A 166 2.31 3.20 22.67
N HIS A 167 3.45 3.78 22.34
CA HIS A 167 4.41 4.28 23.34
C HIS A 167 4.21 5.74 23.74
N GLY A 168 3.11 6.33 23.28
CA GLY A 168 2.69 7.69 23.69
C GLY A 168 3.52 8.85 23.18
N LEU A 169 4.24 8.64 22.08
CA LEU A 169 5.14 9.67 21.50
C LEU A 169 4.41 10.61 20.48
N ILE A 170 3.30 10.13 19.90
CA ILE A 170 2.40 10.95 19.07
C ILE A 170 0.96 10.68 19.52
N ASP A 171 0.07 11.56 19.11
CA ASP A 171 -1.37 11.41 19.41
C ASP A 171 -2.15 10.62 18.35
N LEU A 172 -1.79 10.85 17.09
CA LEU A 172 -2.55 10.41 15.91
C LEU A 172 -1.58 10.02 14.78
N GLY A 173 -1.90 8.94 14.05
CA GLY A 173 -1.08 8.54 12.89
C GLY A 173 -1.89 7.75 11.87
N SER A 174 -1.50 7.82 10.59
CA SER A 174 -2.21 7.06 9.53
C SER A 174 -1.74 5.59 9.52
N ASP A 175 -2.63 4.70 9.01
CA ASP A 175 -2.36 3.26 8.79
C ASP A 175 -3.38 2.80 7.72
N MET A 176 -3.30 1.53 7.32
CA MET A 176 -4.30 0.89 6.45
C MET A 176 -4.85 -0.33 7.22
N ASP A 177 -6.12 -0.66 7.04
CA ASP A 177 -6.77 -1.73 7.80
C ASP A 177 -6.03 -3.08 7.67
N ARG A 178 -5.65 -3.46 6.45
CA ARG A 178 -4.97 -4.74 6.22
C ARG A 178 -3.61 -4.79 6.95
N GLY A 179 -2.93 -3.64 7.04
CA GLY A 179 -1.62 -3.52 7.75
C GLY A 179 -1.79 -3.63 9.26
N ARG A 180 -2.72 -2.86 9.82
CA ARG A 180 -3.03 -2.93 11.26
C ARG A 180 -3.45 -4.35 11.68
N ASN A 181 -4.29 -5.00 10.86
CA ASN A 181 -4.73 -6.37 11.17
C ASN A 181 -3.52 -7.30 11.28
N GLY A 182 -2.61 -7.22 10.30
CA GLY A 182 -1.42 -8.09 10.29
C GLY A 182 -0.52 -7.85 11.51
N MET A 183 -0.33 -6.59 11.93
CA MET A 183 0.46 -6.23 13.12
C MET A 183 -0.20 -6.78 14.43
N ILE A 184 -1.53 -6.67 14.55
CA ILE A 184 -2.24 -7.27 15.70
C ILE A 184 -2.04 -8.78 15.70
N GLU A 185 -2.24 -9.41 14.54
CA GLU A 185 -2.12 -10.87 14.41
C GLU A 185 -0.72 -11.40 14.75
N ALA A 186 0.31 -10.61 14.46
CA ALA A 186 1.72 -10.94 14.71
C ALA A 186 2.19 -10.55 16.13
N GLY A 187 1.30 -10.01 16.94
CA GLY A 187 1.66 -9.54 18.29
C GLY A 187 2.53 -8.30 18.35
N GLN A 188 2.54 -7.52 17.26
CA GLN A 188 3.34 -6.27 17.14
C GLN A 188 2.61 -5.00 17.68
N ILE A 189 1.28 -5.08 17.84
CA ILE A 189 0.41 -4.02 18.38
C ILE A 189 -0.35 -4.66 19.53
N ASP A 190 -0.45 -3.99 20.69
CA ASP A 190 -1.44 -4.28 21.75
C ASP A 190 -2.64 -3.39 21.44
N PRO A 191 -3.74 -3.97 20.91
CA PRO A 191 -4.81 -3.09 20.40
C PRO A 191 -5.58 -2.36 21.49
N SER A 192 -5.40 -2.75 22.73
CA SER A 192 -6.00 -2.02 23.88
C SER A 192 -5.42 -0.60 24.07
N LYS A 193 -4.24 -0.35 23.49
CA LYS A 193 -3.52 0.92 23.65
C LYS A 193 -3.82 1.97 22.55
N SER A 194 -4.61 1.59 21.54
CA SER A 194 -4.96 2.47 20.43
C SER A 194 -6.41 2.26 20.03
N LYS A 195 -6.90 3.14 19.15
CA LYS A 195 -8.26 3.03 18.61
C LYS A 195 -8.33 3.67 17.23
N ILE A 196 -9.30 3.19 16.44
CA ILE A 196 -9.56 3.78 15.14
C ILE A 196 -10.41 5.09 15.34
N VAL A 197 -9.85 6.22 14.94
CA VAL A 197 -10.51 7.54 15.00
C VAL A 197 -11.34 7.85 13.73
N TRP A 198 -10.80 7.47 12.56
CA TRP A 198 -11.42 7.71 11.25
C TRP A 198 -11.08 6.54 10.31
N GLU A 199 -12.06 6.14 9.51
CA GLU A 199 -11.89 5.14 8.46
C GLU A 199 -12.45 5.68 7.13
N SER A 200 -11.70 5.51 6.04
CA SER A 200 -12.15 5.98 4.71
C SER A 200 -13.26 5.06 4.13
N SER A 201 -13.83 5.50 3.00
CA SER A 201 -14.59 4.63 2.10
C SER A 201 -13.64 3.62 1.42
N LYS A 202 -14.19 2.55 0.85
CA LYS A 202 -13.34 1.54 0.20
C LYS A 202 -12.51 2.09 -0.98
N LEU A 203 -11.27 1.63 -1.03
CA LEU A 203 -10.25 2.01 -2.01
C LEU A 203 -9.84 0.75 -2.82
N PRO A 204 -9.47 0.91 -4.11
CA PRO A 204 -8.89 -0.24 -4.84
C PRO A 204 -7.55 -0.66 -4.21
N ASN A 205 -7.29 -1.97 -4.19
CA ASN A 205 -6.07 -2.51 -3.54
CA ASN A 205 -6.06 -2.54 -3.57
C ASN A 205 -4.83 -2.32 -4.45
N ASP A 206 -3.67 -2.75 -3.96
CA ASP A 206 -2.39 -2.62 -4.66
C ASP A 206 -2.41 -3.19 -6.10
N ALA A 207 -1.54 -2.62 -6.93
CA ALA A 207 -1.46 -2.85 -8.37
C ALA A 207 -0.20 -3.64 -8.74
N ILE A 208 -0.39 -4.83 -9.33
CA ILE A 208 0.70 -5.61 -9.96
C ILE A 208 0.96 -4.97 -11.32
N SER A 209 2.17 -4.44 -11.48
CA SER A 209 2.51 -3.47 -12.54
C SER A 209 3.76 -3.88 -13.32
N VAL A 210 3.80 -3.48 -14.59
CA VAL A 210 4.97 -3.72 -15.49
C VAL A 210 5.30 -2.42 -16.24
N PRO A 211 6.55 -2.29 -16.76
CA PRO A 211 6.88 -1.09 -17.55
C PRO A 211 6.11 -1.00 -18.86
N LYS A 212 6.03 0.23 -19.37
CA LYS A 212 5.41 0.49 -20.67
C LYS A 212 6.13 -0.39 -21.72
N ASP A 213 5.39 -1.01 -22.60
CA ASP A 213 6.07 -1.84 -23.66
C ASP A 213 6.87 -3.09 -23.13
N PHE A 214 6.52 -3.58 -21.95
CA PHE A 214 6.93 -4.91 -21.50
C PHE A 214 6.43 -5.94 -22.53
N ASP A 215 7.22 -6.97 -22.79
CA ASP A 215 6.85 -7.99 -23.80
C ASP A 215 5.38 -8.45 -23.71
N PRO A 216 4.57 -8.24 -24.78
CA PRO A 216 3.14 -8.61 -24.74
C PRO A 216 2.83 -10.09 -24.40
N ALA A 217 3.57 -11.02 -24.99
CA ALA A 217 3.39 -12.45 -24.68
C ALA A 217 3.62 -12.76 -23.19
N LEU A 218 4.71 -12.23 -22.63
CA LEU A 218 5.00 -12.39 -21.19
C LEU A 218 3.95 -11.75 -20.30
N LYS A 219 3.48 -10.55 -20.67
CA LYS A 219 2.42 -9.86 -19.91
C LYS A 219 1.20 -10.76 -19.72
N ALA A 220 0.71 -11.33 -20.83
CA ALA A 220 -0.46 -12.23 -20.79
C ALA A 220 -0.22 -13.45 -19.92
N ARG A 221 0.96 -14.05 -20.03
CA ARG A 221 1.30 -15.24 -19.23
C ARG A 221 1.29 -14.91 -17.72
N ILE A 222 1.94 -13.80 -17.35
CA ILE A 222 2.01 -13.32 -15.93
C ILE A 222 0.56 -13.16 -15.36
N THR A 223 -0.29 -12.48 -16.12
CA THR A 223 -1.68 -12.22 -15.67
C THR A 223 -2.41 -13.55 -15.41
N GLU A 224 -2.30 -14.46 -16.36
CA GLU A 224 -2.93 -15.79 -16.24
C GLU A 224 -2.40 -16.63 -15.03
N ILE A 225 -1.08 -16.64 -14.84
CA ILE A 225 -0.44 -17.38 -13.73
C ILE A 225 -1.04 -16.90 -12.40
N LEU A 226 -1.10 -15.58 -12.22
CA LEU A 226 -1.55 -15.00 -10.91
C LEU A 226 -3.08 -15.09 -10.69
N THR A 227 -3.86 -14.76 -11.72
CA THR A 227 -5.33 -14.71 -11.57
C THR A 227 -5.98 -16.09 -11.52
N SER A 228 -5.27 -17.13 -11.99
CA SER A 228 -5.80 -18.52 -11.97
C SER A 228 -5.67 -19.22 -10.62
N LEU A 229 -4.92 -18.61 -9.70
CA LEU A 229 -4.65 -19.20 -8.36
C LEU A 229 -5.91 -19.33 -7.50
N SER A 230 -6.07 -20.49 -6.86
CA SER A 230 -7.10 -20.65 -5.82
C SER A 230 -6.80 -19.74 -4.62
N GLU A 231 -7.83 -19.44 -3.85
CA GLU A 231 -7.64 -18.67 -2.61
C GLU A 231 -6.68 -19.37 -1.63
N GLU A 232 -6.85 -20.70 -1.48
CA GLU A 232 -5.99 -21.50 -0.60
C GLU A 232 -4.52 -21.46 -1.08
N LYS A 233 -4.28 -21.68 -2.38
CA LYS A 233 -2.92 -21.72 -2.88
C LYS A 233 -2.28 -20.32 -2.76
N ALA A 234 -3.01 -19.29 -3.15
CA ALA A 234 -2.52 -17.90 -3.02
C ALA A 234 -2.14 -17.58 -1.56
N GLN A 235 -3.03 -17.88 -0.63
CA GLN A 235 -2.77 -17.60 0.81
C GLN A 235 -1.53 -18.35 1.32
N SER A 236 -1.27 -19.55 0.80
CA SER A 236 -0.09 -20.35 1.21
C SER A 236 1.25 -19.69 0.83
N LEU A 237 1.19 -18.75 -0.11
CA LEU A 237 2.36 -18.06 -0.69
C LEU A 237 2.58 -16.61 -0.21
N MET A 238 1.69 -16.10 0.65
CA MET A 238 1.71 -14.66 1.02
C MET A 238 1.37 -14.44 2.49
N GLY A 239 1.56 -13.22 2.97
CA GLY A 239 1.20 -12.85 4.34
C GLY A 239 -0.29 -13.04 4.64
N SER A 240 -0.60 -13.25 5.91
CA SER A 240 -1.99 -13.54 6.35
C SER A 240 -2.99 -12.52 5.79
N GLY A 241 -4.06 -13.04 5.16
CA GLY A 241 -5.16 -12.24 4.57
C GLY A 241 -5.07 -12.02 3.07
N TYR A 242 -3.86 -12.04 2.53
CA TYR A 242 -3.65 -11.83 1.07
C TYR A 242 -3.86 -13.19 0.38
N ASN A 243 -4.90 -13.26 -0.48
CA ASN A 243 -5.41 -14.55 -0.96
C ASN A 243 -5.86 -14.58 -2.41
N GLY A 244 -5.25 -13.76 -3.26
CA GLY A 244 -5.49 -13.88 -4.72
C GLY A 244 -5.24 -12.63 -5.51
N PHE A 245 -5.58 -12.71 -6.79
CA PHE A 245 -5.43 -11.60 -7.76
C PHE A 245 -6.60 -11.63 -8.73
N VAL A 246 -7.02 -10.43 -9.14
CA VAL A 246 -8.06 -10.24 -10.17
CA VAL A 246 -8.07 -10.24 -10.17
C VAL A 246 -7.52 -9.38 -11.32
N LYS A 247 -7.89 -9.71 -12.56
CA LYS A 247 -7.47 -8.90 -13.74
C LYS A 247 -7.98 -7.45 -13.54
N ALA A 248 -7.14 -6.46 -13.91
CA ALA A 248 -7.46 -5.04 -13.70
C ALA A 248 -6.91 -4.19 -14.85
N LYS A 249 -7.42 -2.97 -14.93
CA LYS A 249 -6.97 -1.96 -15.92
C LYS A 249 -6.99 -0.58 -15.27
N HIS A 250 -6.46 0.41 -15.99
CA HIS A 250 -6.29 1.79 -15.46
C HIS A 250 -7.57 2.37 -14.83
N SER A 251 -8.70 2.18 -15.51
CA SER A 251 -9.97 2.76 -15.03
C SER A 251 -10.41 2.26 -13.63
N ASP A 252 -9.89 1.10 -13.20
CA ASP A 252 -10.16 0.58 -11.83
C ASP A 252 -9.55 1.46 -10.72
N TYR A 253 -8.65 2.35 -11.11
CA TYR A 253 -7.92 3.29 -10.20
C TYR A 253 -8.44 4.76 -10.28
N LYS A 254 -9.62 4.96 -10.90
CA LYS A 254 -10.21 6.30 -11.13
C LYS A 254 -10.35 7.08 -9.82
N VAL A 255 -10.79 6.43 -8.74
CA VAL A 255 -11.01 7.19 -7.50
C VAL A 255 -9.69 7.79 -6.95
N ILE A 256 -8.59 7.09 -7.20
CA ILE A 256 -7.26 7.54 -6.73
C ILE A 256 -6.72 8.68 -7.61
N GLU A 257 -6.86 8.52 -8.94
CA GLU A 257 -6.51 9.59 -9.90
C GLU A 257 -7.27 10.88 -9.59
N ASP A 258 -8.57 10.75 -9.29
CA ASP A 258 -9.46 11.90 -8.95
C ASP A 258 -8.97 12.62 -7.70
N ALA A 259 -8.63 11.87 -6.65
CA ALA A 259 -8.13 12.46 -5.39
C ALA A 259 -6.81 13.22 -5.60
N GLY A 260 -5.91 12.63 -6.38
CA GLY A 260 -4.62 13.26 -6.72
C GLY A 260 -4.77 14.58 -7.47
N ARG A 261 -5.68 14.59 -8.45
CA ARG A 261 -5.96 15.79 -9.27
C ARG A 261 -6.52 16.91 -8.39
N ILE A 262 -7.49 16.57 -7.54
CA ILE A 262 -8.11 17.57 -6.63
C ILE A 262 -7.10 18.19 -5.65
N LEU A 263 -6.16 17.38 -5.16
CA LEU A 263 -5.06 17.88 -4.30
C LEU A 263 -3.95 18.68 -5.02
N GLY A 264 -3.90 18.58 -6.34
CA GLY A 264 -2.92 19.29 -7.17
C GLY A 264 -1.58 18.58 -7.25
#